data_4GHA
#
_entry.id   4GHA
#
_cell.length_a   36.593
_cell.length_b   99.191
_cell.length_c   81.801
_cell.angle_alpha   90.00
_cell.angle_beta   89.92
_cell.angle_gamma   90.00
#
_symmetry.space_group_name_H-M   'P 1 21 1'
#
loop_
_entity.id
_entity.type
_entity.pdbx_description
1 polymer 'Polymerase cofactor VP35'
2 polymer "RNA (5'-R(*CP*UP*AP*GP*AP*CP*GP*UP*CP*UP*AP*G)-3')"
3 water water
#
loop_
_entity_poly.entity_id
_entity_poly.type
_entity_poly.pdbx_seq_one_letter_code
_entity_poly.pdbx_strand_id
1 'polypeptide(L)'
;MAHHHHHHVDDDDKENLYFQSKPNLSAKDLALLLFTHLPGNNTPFHILAQVLSKIAYKSGKSGAFLDAFHQILSEGENAQ
AALTRLSRTFDAFLGVVPPVIRVKNFQTVPRPCQKSLRAVPPNPTIDKGWVCVYSSEQGETRALKI
;
A,C,E,G
2 'polyribonucleotide' CUAGACGUCUAG I,J
#
# COMPACT_ATOMS: atom_id res chain seq x y z
N LEU A 25 28.43 26.49 3.71
CA LEU A 25 27.96 25.10 3.44
C LEU A 25 27.60 24.92 1.98
N SER A 26 28.33 24.03 1.29
CA SER A 26 28.13 23.81 -0.14
C SER A 26 26.71 23.37 -0.48
N ALA A 27 26.38 23.42 -1.75
CA ALA A 27 25.06 23.00 -2.22
C ALA A 27 24.84 21.52 -1.99
N LYS A 28 25.90 20.74 -2.20
CA LYS A 28 25.85 19.29 -2.00
C LYS A 28 25.54 18.97 -0.54
N ASP A 29 26.40 19.46 0.37
CA ASP A 29 26.22 19.24 1.79
C ASP A 29 24.86 19.75 2.25
N LEU A 30 24.42 20.86 1.66
CA LEU A 30 23.13 21.44 1.99
C LEU A 30 21.99 20.50 1.60
N ALA A 31 22.06 19.98 0.38
CA ALA A 31 21.04 19.06 -0.12
C ALA A 31 21.01 17.78 0.70
N LEU A 32 22.18 17.25 1.04
CA LEU A 32 22.28 16.04 1.83
C LEU A 32 21.63 16.24 3.20
N LEU A 33 21.84 17.42 3.79
CA LEU A 33 21.27 17.73 5.09
C LEU A 33 19.75 17.74 5.05
N LEU A 34 19.19 18.32 4.00
CA LEU A 34 17.74 18.35 3.81
C LEU A 34 17.19 16.94 3.62
N PHE A 35 18.01 16.08 3.00
CA PHE A 35 17.63 14.71 2.74
C PHE A 35 17.31 13.94 4.02
N THR A 36 18.06 14.24 5.08
CA THR A 36 17.87 13.56 6.35
C THR A 36 16.50 13.87 6.96
N HIS A 37 15.84 14.90 6.45
CA HIS A 37 14.53 15.29 6.95
C HIS A 37 13.39 14.76 6.08
N LEU A 38 13.74 14.14 4.96
CA LEU A 38 12.75 13.66 4.01
C LEU A 38 12.59 12.15 4.06
N PRO A 39 11.34 11.66 3.93
CA PRO A 39 11.06 10.24 3.86
C PRO A 39 11.29 9.69 2.45
N GLY A 40 11.64 8.41 2.35
CA GLY A 40 11.86 7.78 1.06
C GLY A 40 13.11 8.24 0.36
N ASN A 41 13.24 7.88 -0.91
CA ASN A 41 14.40 8.26 -1.71
C ASN A 41 14.01 8.70 -3.12
N ASN A 42 14.71 9.69 -3.65
CA ASN A 42 14.50 10.15 -5.01
C ASN A 42 13.07 10.61 -5.29
N THR A 43 12.44 11.20 -4.29
CA THR A 43 11.10 11.74 -4.46
C THR A 43 11.16 13.16 -5.03
N PRO A 44 10.03 13.65 -5.55
CA PRO A 44 9.97 15.02 -6.05
C PRO A 44 10.58 16.01 -5.05
N PHE A 45 10.35 15.77 -3.77
CA PHE A 45 10.88 16.65 -2.73
C PHE A 45 12.40 16.59 -2.64
N HIS A 46 12.96 15.41 -2.92
CA HIS A 46 14.41 15.26 -2.95
C HIS A 46 14.99 16.12 -4.07
N ILE A 47 14.37 16.05 -5.25
CA ILE A 47 14.79 16.86 -6.38
C ILE A 47 14.68 18.34 -6.05
N LEU A 48 13.61 18.71 -5.35
CA LEU A 48 13.39 20.09 -4.95
C LEU A 48 14.46 20.56 -3.96
N ALA A 49 14.89 19.65 -3.10
CA ALA A 49 15.94 19.95 -2.14
C ALA A 49 17.23 20.31 -2.85
N GLN A 50 17.57 19.52 -3.87
CA GLN A 50 18.77 19.76 -4.66
C GLN A 50 18.69 21.09 -5.39
N VAL A 51 17.56 21.32 -6.06
CA VAL A 51 17.36 22.54 -6.85
C VAL A 51 17.43 23.79 -5.97
N LEU A 52 16.65 23.80 -4.90
CA LEU A 52 16.63 24.95 -4.00
C LEU A 52 17.99 25.17 -3.33
N SER A 53 18.68 24.07 -3.04
CA SER A 53 20.00 24.15 -2.42
C SER A 53 21.00 24.85 -3.33
N LYS A 54 21.01 24.46 -4.60
CA LYS A 54 21.94 25.03 -5.56
C LYS A 54 21.66 26.50 -5.80
N ILE A 55 20.40 26.83 -6.05
CA ILE A 55 20.00 28.22 -6.29
C ILE A 55 20.33 29.08 -5.09
N ALA A 56 20.14 28.56 -3.90
CA ALA A 56 20.44 29.27 -2.67
C ALA A 56 21.94 29.53 -2.54
N TYR A 57 22.72 28.48 -2.73
CA TYR A 57 24.17 28.58 -2.63
C TYR A 57 24.73 29.64 -3.57
N LYS A 58 24.38 29.55 -4.84
CA LYS A 58 24.88 30.47 -5.85
C LYS A 58 24.44 31.91 -5.57
N SER A 59 23.42 32.06 -4.75
CA SER A 59 22.90 33.38 -4.40
C SER A 59 23.53 33.90 -3.11
N GLY A 60 24.35 33.08 -2.47
CA GLY A 60 24.99 33.46 -1.22
C GLY A 60 24.01 33.45 -0.06
N LYS A 61 22.85 32.83 -0.28
CA LYS A 61 21.82 32.76 0.74
C LYS A 61 21.75 31.37 1.37
N SER A 62 22.86 30.65 1.29
CA SER A 62 22.94 29.30 1.85
C SER A 62 22.54 29.27 3.33
N GLY A 63 23.14 30.16 4.10
CA GLY A 63 22.88 30.22 5.54
C GLY A 63 21.46 30.65 5.86
N ALA A 64 21.00 31.70 5.21
CA ALA A 64 19.65 32.21 5.42
C ALA A 64 18.60 31.17 5.04
N PHE A 65 18.84 30.49 3.93
CA PHE A 65 17.94 29.46 3.45
C PHE A 65 17.78 28.35 4.48
N LEU A 66 18.89 27.89 5.03
CA LEU A 66 18.89 26.82 6.02
C LEU A 66 18.16 27.27 7.29
N ASP A 67 18.43 28.49 7.72
CA ASP A 67 17.77 29.05 8.91
C ASP A 67 16.26 29.07 8.73
N ALA A 68 15.80 29.63 7.61
CA ALA A 68 14.38 29.70 7.32
C ALA A 68 13.75 28.31 7.32
N PHE A 69 14.46 27.34 6.74
CA PHE A 69 13.99 25.97 6.69
C PHE A 69 13.75 25.40 8.08
N HIS A 70 14.70 25.62 8.98
CA HIS A 70 14.59 25.14 10.36
C HIS A 70 13.53 25.92 11.14
N GLN A 71 13.40 27.20 10.82
CA GLN A 71 12.39 28.04 11.45
C GLN A 71 11.01 27.48 11.19
N ILE A 72 10.78 27.06 9.94
CA ILE A 72 9.49 26.48 9.56
C ILE A 72 9.23 25.17 10.28
N LEU A 73 10.24 24.33 10.37
CA LEU A 73 10.12 23.05 11.06
C LEU A 73 9.69 23.26 12.51
N SER A 74 10.26 24.27 13.16
CA SER A 74 9.94 24.56 14.55
C SER A 74 8.48 24.98 14.70
N GLU A 75 7.92 25.53 13.63
CA GLU A 75 6.53 25.97 13.64
C GLU A 75 5.58 24.77 13.73
N GLY A 76 6.10 23.59 13.41
CA GLY A 76 5.29 22.37 13.45
C GLY A 76 5.15 21.73 12.09
N GLU A 77 5.66 22.41 11.06
CA GLU A 77 5.62 21.90 9.70
C GLU A 77 6.66 20.80 9.51
N ASN A 78 6.42 19.91 8.54
CA ASN A 78 7.41 18.89 8.20
C ASN A 78 8.31 19.35 7.07
N ALA A 79 9.32 18.55 6.76
CA ALA A 79 10.29 18.91 5.74
C ALA A 79 9.62 19.24 4.40
N GLN A 80 8.66 18.40 4.00
CA GLN A 80 7.98 18.59 2.72
C GLN A 80 7.25 19.93 2.66
N ALA A 81 6.44 20.20 3.67
CA ALA A 81 5.70 21.46 3.72
C ALA A 81 6.65 22.66 3.76
N ALA A 82 7.82 22.47 4.36
CA ALA A 82 8.80 23.54 4.46
C ALA A 82 9.38 23.87 3.09
N LEU A 83 9.76 22.84 2.34
CA LEU A 83 10.36 23.04 1.03
C LEU A 83 9.39 23.73 0.06
N THR A 84 8.15 23.26 0.04
CA THR A 84 7.14 23.85 -0.82
C THR A 84 6.87 25.30 -0.45
N ARG A 85 6.88 25.59 0.85
CA ARG A 85 6.64 26.95 1.32
C ARG A 85 7.81 27.86 0.97
N LEU A 86 9.03 27.37 1.19
CA LEU A 86 10.22 28.13 0.87
C LEU A 86 10.31 28.45 -0.63
N SER A 87 9.91 27.47 -1.45
CA SER A 87 9.93 27.65 -2.89
C SER A 87 8.96 28.74 -3.33
N ARG A 88 7.99 29.04 -2.48
CA ARG A 88 6.97 30.04 -2.81
C ARG A 88 7.25 31.41 -2.19
N THR A 89 8.00 31.42 -1.08
CA THR A 89 8.17 32.65 -0.31
C THR A 89 9.61 33.17 -0.26
N PHE A 90 10.58 32.26 -0.38
CA PHE A 90 11.99 32.66 -0.32
C PHE A 90 12.37 33.48 -1.55
N ASP A 91 12.60 34.78 -1.34
CA ASP A 91 12.84 35.71 -2.44
C ASP A 91 13.86 35.20 -3.46
N ALA A 92 14.81 34.39 -3.01
CA ALA A 92 15.88 33.90 -3.89
C ALA A 92 15.35 32.93 -4.96
N PHE A 93 14.12 32.45 -4.76
CA PHE A 93 13.53 31.50 -5.69
C PHE A 93 12.45 32.12 -6.56
N LEU A 94 12.03 33.34 -6.21
CA LEU A 94 10.94 34.00 -6.91
C LEU A 94 11.30 34.32 -8.35
N GLY A 95 10.44 33.88 -9.28
CA GLY A 95 10.62 34.16 -10.69
C GLY A 95 11.70 33.34 -11.34
N VAL A 96 12.41 32.55 -10.54
CA VAL A 96 13.50 31.72 -11.05
C VAL A 96 12.95 30.54 -11.85
N VAL A 97 13.39 30.42 -13.10
CA VAL A 97 12.97 29.33 -13.96
C VAL A 97 13.66 28.02 -13.61
N PRO A 98 12.89 26.93 -13.56
CA PRO A 98 13.42 25.61 -13.20
C PRO A 98 14.62 25.25 -14.08
N PRO A 99 15.61 24.56 -13.49
CA PRO A 99 16.80 24.15 -14.22
C PRO A 99 16.51 23.01 -15.18
N VAL A 100 17.16 23.02 -16.34
CA VAL A 100 16.97 21.97 -17.34
C VAL A 100 17.95 20.83 -17.13
N ILE A 101 17.41 19.63 -16.90
CA ILE A 101 18.23 18.45 -16.69
C ILE A 101 18.13 17.49 -17.86
N ARG A 102 19.26 17.12 -18.43
CA ARG A 102 19.29 16.21 -19.57
C ARG A 102 19.22 14.74 -19.14
N VAL A 103 18.41 13.97 -19.84
CA VAL A 103 18.25 12.55 -19.56
C VAL A 103 17.98 11.80 -20.86
N LYS A 104 18.48 10.56 -20.94
CA LYS A 104 18.25 9.74 -22.12
C LYS A 104 16.78 9.79 -22.52
N ASN A 105 15.91 9.37 -21.61
CA ASN A 105 14.47 9.42 -21.82
C ASN A 105 13.74 9.68 -20.51
N PHE A 106 12.44 9.86 -20.56
CA PHE A 106 11.67 10.17 -19.36
C PHE A 106 11.56 8.99 -18.41
N GLN A 107 11.88 7.79 -18.91
CA GLN A 107 11.93 6.61 -18.06
C GLN A 107 13.23 6.59 -17.26
N THR A 108 14.12 7.52 -17.57
CA THR A 108 15.38 7.65 -16.85
C THR A 108 15.18 8.47 -15.58
N VAL A 109 14.17 9.33 -15.59
CA VAL A 109 13.81 10.12 -14.43
C VAL A 109 13.47 9.21 -13.26
N PRO A 110 13.95 9.57 -12.05
CA PRO A 110 13.67 8.77 -10.87
C PRO A 110 12.21 8.31 -10.85
N ARG A 111 11.99 7.05 -10.53
CA ARG A 111 10.66 6.45 -10.61
C ARG A 111 9.60 7.21 -9.83
N PRO A 112 9.92 7.58 -8.57
CA PRO A 112 8.98 8.28 -7.70
C PRO A 112 8.60 9.67 -8.24
N CYS A 113 9.28 10.12 -9.29
CA CYS A 113 9.01 11.42 -9.87
C CYS A 113 8.24 11.32 -11.19
N GLN A 114 8.31 10.14 -11.82
CA GLN A 114 7.76 9.96 -13.16
C GLN A 114 6.29 10.39 -13.29
N LYS A 115 5.46 10.00 -12.34
CA LYS A 115 4.03 10.30 -12.41
C LYS A 115 3.73 11.77 -12.13
N SER A 116 4.75 12.56 -11.85
CA SER A 116 4.57 13.98 -11.59
C SER A 116 5.08 14.83 -12.75
N LEU A 117 5.37 14.17 -13.88
CA LEU A 117 5.85 14.88 -15.06
C LEU A 117 4.70 15.45 -15.87
N ARG A 118 4.83 16.72 -16.25
CA ARG A 118 3.82 17.39 -17.07
C ARG A 118 4.50 18.02 -18.27
N ALA A 119 3.72 18.33 -19.30
CA ALA A 119 4.22 19.14 -20.39
C ALA A 119 4.63 20.49 -19.80
N VAL A 120 5.67 21.09 -20.35
CA VAL A 120 6.15 22.36 -19.83
C VAL A 120 5.24 23.50 -20.23
N PRO A 121 4.80 24.30 -19.25
CA PRO A 121 3.98 25.48 -19.52
C PRO A 121 4.84 26.61 -20.07
N PRO A 122 4.20 27.64 -20.65
CA PRO A 122 4.88 28.77 -21.27
C PRO A 122 5.99 29.37 -20.40
N ASN A 123 5.65 29.71 -19.16
CA ASN A 123 6.61 30.38 -18.27
C ASN A 123 6.78 29.68 -16.92
N PRO A 124 7.48 28.55 -16.91
CA PRO A 124 7.68 27.77 -15.69
C PRO A 124 8.58 28.51 -14.69
N THR A 125 8.14 28.57 -13.43
CA THR A 125 8.95 29.16 -12.37
C THR A 125 8.82 28.32 -11.10
N ILE A 126 9.86 28.32 -10.28
CA ILE A 126 9.89 27.50 -9.07
C ILE A 126 8.79 27.87 -8.07
N ASP A 127 8.53 29.16 -7.92
CA ASP A 127 7.51 29.63 -6.98
C ASP A 127 6.12 29.17 -7.38
N LYS A 128 6.01 28.56 -8.56
CA LYS A 128 4.72 28.06 -9.04
C LYS A 128 4.65 26.54 -8.94
N GLY A 129 5.62 25.94 -8.26
CA GLY A 129 5.61 24.51 -8.01
C GLY A 129 6.41 23.68 -8.99
N TRP A 130 7.01 24.34 -9.97
CA TRP A 130 7.79 23.64 -10.99
C TRP A 130 9.23 23.42 -10.54
N VAL A 131 9.57 22.17 -10.24
CA VAL A 131 10.88 21.82 -9.70
C VAL A 131 11.99 21.91 -10.73
N CYS A 132 11.82 21.22 -11.85
CA CYS A 132 12.85 21.20 -12.89
C CYS A 132 12.26 20.79 -14.23
N VAL A 133 13.05 20.97 -15.29
CA VAL A 133 12.63 20.59 -16.63
C VAL A 133 13.54 19.50 -17.18
N TYR A 134 12.96 18.34 -17.47
CA TYR A 134 13.71 17.23 -18.03
C TYR A 134 13.72 17.29 -19.56
N SER A 135 14.89 17.15 -20.14
CA SER A 135 15.04 17.17 -21.59
C SER A 135 15.56 15.83 -22.10
N SER A 136 14.78 15.19 -22.96
CA SER A 136 15.16 13.88 -23.52
C SER A 136 16.02 14.04 -24.76
N GLU A 137 16.78 12.99 -25.08
CA GLU A 137 17.64 13.00 -26.26
C GLU A 137 16.86 13.31 -27.52
N GLN A 138 15.55 13.03 -27.49
CA GLN A 138 14.70 13.23 -28.65
C GLN A 138 14.15 14.65 -28.71
N GLY A 139 14.62 15.50 -27.82
CA GLY A 139 14.24 16.91 -27.82
C GLY A 139 12.96 17.22 -27.07
N GLU A 140 12.29 16.17 -26.59
CA GLU A 140 11.07 16.35 -25.81
C GLU A 140 11.39 16.89 -24.42
N THR A 141 10.45 17.61 -23.83
CA THR A 141 10.63 18.18 -22.51
C THR A 141 9.48 17.88 -21.57
N ARG A 142 9.79 17.68 -20.29
CA ARG A 142 8.79 17.45 -19.26
C ARG A 142 9.19 18.17 -17.98
N ALA A 143 8.22 18.78 -17.32
CA ALA A 143 8.49 19.50 -16.08
C ALA A 143 8.01 18.70 -14.86
N LEU A 144 8.86 18.64 -13.84
CA LEU A 144 8.50 18.00 -12.58
C LEU A 144 7.65 18.95 -11.76
N LYS A 145 6.41 18.55 -11.46
CA LYS A 145 5.48 19.42 -10.77
C LYS A 145 5.13 18.90 -9.38
N ILE A 146 5.17 19.79 -8.39
CA ILE A 146 4.74 19.46 -7.04
C ILE A 146 3.45 20.20 -6.70
N LEU B 25 9.78 -11.93 -36.77
CA LEU B 25 9.88 -12.73 -35.52
C LEU B 25 8.56 -13.40 -35.18
N SER B 26 8.46 -14.70 -35.42
CA SER B 26 7.24 -15.45 -35.17
C SER B 26 6.88 -15.48 -33.70
N ALA B 27 5.67 -15.93 -33.39
CA ALA B 27 5.20 -16.00 -32.02
C ALA B 27 6.00 -17.02 -31.22
N LYS B 28 6.36 -18.13 -31.87
CA LYS B 28 7.14 -19.17 -31.21
C LYS B 28 8.52 -18.66 -30.79
N ASP B 29 9.25 -18.12 -31.75
CA ASP B 29 10.58 -17.57 -31.48
C ASP B 29 10.50 -16.49 -30.40
N LEU B 30 9.48 -15.64 -30.49
CA LEU B 30 9.29 -14.57 -29.52
C LEU B 30 9.11 -15.13 -28.12
N ALA B 31 8.26 -16.15 -27.99
CA ALA B 31 8.02 -16.79 -26.70
C ALA B 31 9.28 -17.44 -26.16
N LEU B 32 9.98 -18.16 -27.03
CA LEU B 32 11.22 -18.83 -26.65
C LEU B 32 12.25 -17.82 -26.14
N LEU B 33 12.24 -16.63 -26.73
CA LEU B 33 13.15 -15.57 -26.32
C LEU B 33 12.79 -15.07 -24.92
N LEU B 34 11.51 -14.87 -24.68
CA LEU B 34 11.03 -14.44 -23.36
C LEU B 34 11.35 -15.50 -22.31
N PHE B 35 11.28 -16.76 -22.71
CA PHE B 35 11.56 -17.88 -21.82
C PHE B 35 12.97 -17.78 -21.21
N THR B 36 13.92 -17.34 -22.02
CA THR B 36 15.32 -17.25 -21.58
C THR B 36 15.47 -16.26 -20.43
N HIS B 37 14.48 -15.38 -20.26
CA HIS B 37 14.52 -14.37 -19.20
C HIS B 37 13.75 -14.82 -17.96
N LEU B 38 13.10 -15.97 -18.05
CA LEU B 38 12.24 -16.45 -16.97
C LEU B 38 12.85 -17.59 -16.18
N PRO B 39 12.69 -17.56 -14.85
CA PRO B 39 13.16 -18.62 -13.96
C PRO B 39 12.22 -19.82 -13.99
N GLY B 40 12.77 -21.01 -13.75
CA GLY B 40 11.96 -22.23 -13.71
C GLY B 40 11.33 -22.57 -15.05
N ASN B 41 10.43 -23.55 -15.05
CA ASN B 41 9.74 -23.97 -16.26
C ASN B 41 8.24 -24.10 -16.06
N ASN B 42 7.48 -23.78 -17.11
CA ASN B 42 6.03 -23.95 -17.08
C ASN B 42 5.36 -23.21 -15.93
N THR B 43 5.83 -22.00 -15.65
CA THR B 43 5.23 -21.17 -14.62
C THR B 43 4.13 -20.31 -15.25
N PRO B 44 3.26 -19.73 -14.41
CA PRO B 44 2.21 -18.86 -14.92
C PRO B 44 2.76 -17.84 -15.92
N PHE B 45 3.97 -17.35 -15.67
CA PHE B 45 4.59 -16.36 -16.53
C PHE B 45 5.00 -16.93 -17.88
N HIS B 46 5.34 -18.22 -17.89
CA HIS B 46 5.66 -18.90 -19.14
C HIS B 46 4.43 -18.97 -20.03
N ILE B 47 3.28 -19.25 -19.41
CA ILE B 47 2.02 -19.30 -20.13
C ILE B 47 1.66 -17.91 -20.64
N LEU B 48 1.94 -16.90 -19.83
CA LEU B 48 1.67 -15.51 -20.19
C LEU B 48 2.53 -15.11 -21.38
N ALA B 49 3.79 -15.51 -21.36
CA ALA B 49 4.71 -15.20 -22.45
C ALA B 49 4.15 -15.71 -23.77
N GLN B 50 3.64 -16.94 -23.76
CA GLN B 50 3.06 -17.55 -24.94
C GLN B 50 1.83 -16.79 -25.42
N VAL B 51 0.89 -16.55 -24.51
CA VAL B 51 -0.33 -15.84 -24.82
C VAL B 51 -0.01 -14.45 -25.40
N LEU B 52 0.74 -13.66 -24.64
CA LEU B 52 1.09 -12.30 -25.05
C LEU B 52 1.79 -12.27 -26.40
N SER B 53 2.69 -13.23 -26.62
CA SER B 53 3.41 -13.32 -27.89
C SER B 53 2.44 -13.61 -29.02
N LYS B 54 1.64 -14.66 -28.87
CA LYS B 54 0.67 -15.05 -29.88
C LYS B 54 -0.22 -13.87 -30.27
N ILE B 55 -0.71 -13.14 -29.27
CA ILE B 55 -1.57 -11.98 -29.51
C ILE B 55 -0.80 -10.85 -30.18
N ALA B 56 0.40 -10.58 -29.69
CA ALA B 56 1.23 -9.52 -30.24
C ALA B 56 1.53 -9.75 -31.72
N TYR B 57 1.95 -10.97 -32.04
CA TYR B 57 2.29 -11.33 -33.42
C TYR B 57 1.11 -11.09 -34.37
N LYS B 58 -0.06 -11.62 -33.99
CA LYS B 58 -1.26 -11.51 -34.83
C LYS B 58 -1.71 -10.06 -34.98
N SER B 59 -1.22 -9.19 -34.10
CA SER B 59 -1.58 -7.78 -34.14
C SER B 59 -0.56 -6.99 -34.98
N GLY B 60 0.52 -7.65 -35.35
CA GLY B 60 1.59 -7.00 -36.10
C GLY B 60 2.46 -6.15 -35.19
N LYS B 61 2.33 -6.38 -33.88
CA LYS B 61 3.08 -5.62 -32.89
C LYS B 61 4.20 -6.45 -32.29
N SER B 62 4.59 -7.51 -32.99
CA SER B 62 5.65 -8.39 -32.53
C SER B 62 6.91 -7.60 -32.17
N GLY B 63 7.31 -6.70 -33.06
CA GLY B 63 8.51 -5.88 -32.83
C GLY B 63 8.34 -4.90 -31.68
N ALA B 64 7.28 -4.10 -31.74
CA ALA B 64 7.01 -3.13 -30.69
C ALA B 64 6.96 -3.79 -29.32
N PHE B 65 6.33 -4.95 -29.25
CA PHE B 65 6.21 -5.69 -28.00
C PHE B 65 7.58 -6.03 -27.41
N LEU B 66 8.45 -6.57 -28.24
CA LEU B 66 9.80 -6.95 -27.80
C LEU B 66 10.59 -5.74 -27.33
N ASP B 67 10.50 -4.65 -28.08
CA ASP B 67 11.19 -3.41 -27.72
C ASP B 67 10.72 -2.91 -26.36
N ALA B 68 9.41 -2.88 -26.16
CA ALA B 68 8.82 -2.45 -24.90
C ALA B 68 9.28 -3.35 -23.76
N PHE B 69 9.36 -4.65 -24.03
CA PHE B 69 9.82 -5.61 -23.04
C PHE B 69 11.25 -5.32 -22.61
N HIS B 70 12.11 -5.05 -23.59
CA HIS B 70 13.51 -4.72 -23.30
C HIS B 70 13.62 -3.37 -22.60
N GLN B 71 12.80 -2.41 -23.02
CA GLN B 71 12.79 -1.09 -22.41
C GLN B 71 12.50 -1.20 -20.91
N ILE B 72 11.51 -2.00 -20.56
CA ILE B 72 11.14 -2.19 -19.16
C ILE B 72 12.26 -2.83 -18.36
N LEU B 73 12.92 -3.83 -18.96
CA LEU B 73 14.05 -4.48 -18.31
C LEU B 73 15.17 -3.50 -18.01
N SER B 74 15.42 -2.59 -18.95
CA SER B 74 16.47 -1.59 -18.78
C SER B 74 16.14 -0.62 -17.65
N GLU B 75 14.87 -0.57 -17.26
CA GLU B 75 14.44 0.32 -16.19
C GLU B 75 14.73 -0.30 -14.83
N GLY B 76 15.12 -1.57 -14.83
CA GLY B 76 15.46 -2.26 -13.58
C GLY B 76 14.48 -3.34 -13.21
N GLU B 77 13.40 -3.44 -13.98
CA GLU B 77 12.37 -4.45 -13.74
C GLU B 77 12.86 -5.83 -14.19
N ASN B 78 12.40 -6.87 -13.51
CA ASN B 78 12.70 -8.23 -13.94
C ASN B 78 11.70 -8.72 -14.98
N ALA B 79 11.98 -9.85 -15.60
CA ALA B 79 11.12 -10.39 -16.65
C ALA B 79 9.67 -10.54 -16.20
N GLN B 80 9.48 -11.05 -15.00
CA GLN B 80 8.14 -11.29 -14.47
C GLN B 80 7.34 -10.00 -14.34
N ALA B 81 7.95 -8.97 -13.74
CA ALA B 81 7.30 -7.69 -13.59
C ALA B 81 7.05 -7.04 -14.94
N ALA B 82 7.92 -7.30 -15.90
CA ALA B 82 7.80 -6.73 -17.24
C ALA B 82 6.57 -7.27 -17.97
N LEU B 83 6.36 -8.58 -17.89
CA LEU B 83 5.24 -9.22 -18.56
C LEU B 83 3.91 -8.74 -17.99
N THR B 84 3.78 -8.78 -16.67
CA THR B 84 2.56 -8.34 -16.01
C THR B 84 2.25 -6.88 -16.36
N ARG B 85 3.29 -6.07 -16.40
CA ARG B 85 3.13 -4.65 -16.73
C ARG B 85 2.66 -4.46 -18.17
N LEU B 86 3.32 -5.14 -19.10
CA LEU B 86 2.93 -5.07 -20.50
C LEU B 86 1.49 -5.52 -20.69
N SER B 87 1.12 -6.58 -19.98
CA SER B 87 -0.24 -7.10 -20.06
C SER B 87 -1.26 -6.08 -19.59
N ARG B 88 -0.79 -5.09 -18.82
CA ARG B 88 -1.68 -4.07 -18.27
C ARG B 88 -1.63 -2.76 -19.05
N THR B 89 -0.55 -2.55 -19.80
CA THR B 89 -0.33 -1.26 -20.46
C THR B 89 -0.18 -1.33 -21.98
N PHE B 90 0.30 -2.46 -22.49
CA PHE B 90 0.45 -2.64 -23.92
C PHE B 90 -0.93 -2.63 -24.59
N ASP B 91 -1.16 -1.67 -25.47
CA ASP B 91 -2.49 -1.45 -26.05
C ASP B 91 -3.07 -2.67 -26.76
N ALA B 92 -2.19 -3.51 -27.30
CA ALA B 92 -2.62 -4.67 -28.07
C ALA B 92 -3.25 -5.74 -27.17
N PHE B 93 -3.12 -5.57 -25.86
CA PHE B 93 -3.65 -6.56 -24.91
C PHE B 93 -4.88 -6.04 -24.16
N LEU B 94 -5.15 -4.75 -24.30
CA LEU B 94 -6.26 -4.13 -23.57
C LEU B 94 -7.62 -4.60 -24.07
N GLY B 95 -8.42 -5.17 -23.17
CA GLY B 95 -9.77 -5.62 -23.49
C GLY B 95 -9.83 -6.99 -24.14
N VAL B 96 -8.66 -7.57 -24.40
CA VAL B 96 -8.58 -8.88 -25.04
C VAL B 96 -8.93 -10.00 -24.08
N VAL B 97 -9.83 -10.88 -24.50
CA VAL B 97 -10.23 -12.01 -23.66
C VAL B 97 -9.18 -13.12 -23.74
N PRO B 98 -8.87 -13.74 -22.59
CA PRO B 98 -7.89 -14.82 -22.55
C PRO B 98 -8.31 -15.97 -23.46
N PRO B 99 -7.33 -16.62 -24.10
CA PRO B 99 -7.60 -17.73 -25.01
C PRO B 99 -8.05 -18.98 -24.26
N VAL B 100 -8.83 -19.81 -24.92
CA VAL B 100 -9.31 -21.05 -24.31
C VAL B 100 -8.42 -22.22 -24.69
N ILE B 101 -7.90 -22.92 -23.68
CA ILE B 101 -7.01 -24.05 -23.91
C ILE B 101 -7.65 -25.35 -23.42
N ARG B 102 -7.75 -26.33 -24.30
CA ARG B 102 -8.33 -27.62 -23.94
C ARG B 102 -7.33 -28.50 -23.21
N VAL B 103 -7.78 -29.14 -22.14
CA VAL B 103 -6.96 -30.07 -21.40
C VAL B 103 -7.81 -31.25 -20.93
N LYS B 104 -7.19 -32.42 -20.83
CA LYS B 104 -7.87 -33.61 -20.34
C LYS B 104 -8.58 -33.27 -19.04
N ASN B 105 -7.82 -32.77 -18.08
CA ASN B 105 -8.36 -32.33 -16.80
C ASN B 105 -7.48 -31.25 -16.19
N PHE B 106 -7.87 -30.74 -15.03
CA PHE B 106 -7.13 -29.64 -14.41
C PHE B 106 -5.83 -30.11 -13.75
N GLN B 107 -5.65 -31.42 -13.68
CA GLN B 107 -4.40 -31.99 -13.20
C GLN B 107 -3.41 -32.13 -14.35
N THR B 108 -3.89 -31.84 -15.57
CA THR B 108 -3.04 -31.88 -16.75
C THR B 108 -2.37 -30.54 -16.96
N VAL B 109 -2.94 -29.50 -16.36
CA VAL B 109 -2.35 -28.16 -16.40
C VAL B 109 -1.00 -28.17 -15.71
N PRO B 110 0.00 -27.52 -16.32
CA PRO B 110 1.34 -27.46 -15.74
C PRO B 110 1.25 -27.32 -14.23
N ARG B 111 2.02 -28.14 -13.51
CA ARG B 111 1.95 -28.18 -12.06
C ARG B 111 2.11 -26.80 -11.42
N PRO B 112 3.14 -26.05 -11.84
CA PRO B 112 3.42 -24.72 -11.30
C PRO B 112 2.26 -23.73 -11.49
N CYS B 113 1.29 -24.10 -12.30
CA CYS B 113 0.16 -23.21 -12.58
C CYS B 113 -1.10 -23.61 -11.82
N GLN B 114 -1.18 -24.87 -11.43
CA GLN B 114 -2.40 -25.44 -10.87
C GLN B 114 -3.00 -24.62 -9.71
N LYS B 115 -2.15 -24.17 -8.79
CA LYS B 115 -2.63 -23.44 -7.62
C LYS B 115 -3.05 -22.00 -7.95
N SER B 116 -2.89 -21.62 -9.21
CA SER B 116 -3.28 -20.28 -9.65
C SER B 116 -4.60 -20.33 -10.44
N LEU B 117 -5.21 -21.50 -10.47
CA LEU B 117 -6.47 -21.67 -11.18
C LEU B 117 -7.65 -21.19 -10.33
N ARG B 118 -8.61 -20.56 -10.98
CA ARG B 118 -9.82 -20.10 -10.30
C ARG B 118 -11.02 -20.18 -11.23
N ALA B 119 -12.22 -20.03 -10.66
CA ALA B 119 -13.43 -20.01 -11.46
C ALA B 119 -13.36 -18.84 -12.44
N VAL B 120 -13.79 -19.08 -13.68
CA VAL B 120 -13.77 -18.04 -14.70
C VAL B 120 -14.80 -16.96 -14.36
N PRO B 121 -14.33 -15.71 -14.23
CA PRO B 121 -15.22 -14.58 -13.98
C PRO B 121 -16.01 -14.22 -15.23
N PRO B 122 -17.04 -13.38 -15.06
CA PRO B 122 -17.95 -12.99 -16.15
C PRO B 122 -17.24 -12.50 -17.41
N ASN B 123 -16.38 -11.50 -17.25
CA ASN B 123 -15.69 -10.90 -18.40
C ASN B 123 -14.17 -10.86 -18.22
N PRO B 124 -13.52 -12.01 -18.37
CA PRO B 124 -12.07 -12.10 -18.19
C PRO B 124 -11.30 -11.39 -19.29
N THR B 125 -10.34 -10.56 -18.89
CA THR B 125 -9.48 -9.87 -19.84
C THR B 125 -8.03 -9.94 -19.39
N ILE B 126 -7.11 -10.02 -20.37
CA ILE B 126 -5.69 -10.15 -20.09
C ILE B 126 -5.15 -8.99 -19.25
N ASP B 127 -5.67 -7.79 -19.49
CA ASP B 127 -5.20 -6.60 -18.78
C ASP B 127 -5.63 -6.60 -17.32
N LYS B 128 -6.37 -7.64 -16.91
CA LYS B 128 -6.82 -7.77 -15.53
C LYS B 128 -6.12 -8.94 -14.83
N GLY B 129 -5.11 -9.50 -15.48
CA GLY B 129 -4.31 -10.56 -14.89
C GLY B 129 -4.72 -11.97 -15.27
N TRP B 130 -5.76 -12.07 -16.10
CA TRP B 130 -6.25 -13.38 -16.54
C TRP B 130 -5.48 -13.88 -17.76
N VAL B 131 -4.65 -14.90 -17.54
CA VAL B 131 -3.77 -15.42 -18.59
C VAL B 131 -4.50 -16.27 -19.62
N CYS B 132 -5.22 -17.28 -19.16
CA CYS B 132 -5.93 -18.18 -20.06
C CYS B 132 -7.05 -18.95 -19.36
N VAL B 133 -7.96 -19.50 -20.17
CA VAL B 133 -9.05 -20.30 -19.66
C VAL B 133 -8.86 -21.77 -20.04
N TYR B 134 -8.74 -22.64 -19.05
CA TYR B 134 -8.62 -24.07 -19.30
C TYR B 134 -9.98 -24.74 -19.27
N SER B 135 -10.27 -25.55 -20.29
CA SER B 135 -11.51 -26.31 -20.32
C SER B 135 -11.22 -27.81 -20.31
N SER B 136 -11.90 -28.52 -19.41
CA SER B 136 -11.69 -29.96 -19.27
C SER B 136 -12.60 -30.75 -20.18
N GLU B 137 -12.43 -32.07 -20.18
CA GLU B 137 -13.25 -32.95 -21.00
C GLU B 137 -14.66 -33.06 -20.45
N GLN B 138 -14.87 -32.61 -19.22
CA GLN B 138 -16.19 -32.64 -18.60
C GLN B 138 -16.94 -31.33 -18.77
N GLY B 139 -16.38 -30.43 -19.58
CA GLY B 139 -17.01 -29.15 -19.83
C GLY B 139 -16.77 -28.15 -18.72
N GLU B 140 -15.92 -28.51 -17.77
CA GLU B 140 -15.56 -27.61 -16.69
C GLU B 140 -14.49 -26.62 -17.14
N THR B 141 -14.46 -25.44 -16.53
CA THR B 141 -13.51 -24.41 -16.91
C THR B 141 -12.83 -23.78 -15.71
N ARG B 142 -11.54 -23.50 -15.86
CA ARG B 142 -10.78 -22.77 -14.85
C ARG B 142 -9.94 -21.70 -15.54
N ALA B 143 -9.73 -20.58 -14.85
CA ALA B 143 -8.94 -19.49 -15.41
C ALA B 143 -7.60 -19.37 -14.68
N LEU B 144 -6.55 -19.12 -15.43
CA LEU B 144 -5.22 -18.92 -14.85
C LEU B 144 -5.05 -17.46 -14.46
N LYS B 145 -4.87 -17.21 -13.16
CA LYS B 145 -4.77 -15.86 -12.65
C LYS B 145 -3.38 -15.57 -12.11
N ILE B 146 -2.85 -14.39 -12.45
CA ILE B 146 -1.57 -13.95 -11.93
C ILE B 146 -1.75 -12.72 -11.05
N LEU C 25 -30.73 -20.39 -3.56
CA LEU C 25 -29.56 -21.30 -3.34
C LEU C 25 -29.12 -21.25 -1.88
N SER C 26 -29.03 -22.42 -1.25
CA SER C 26 -28.68 -22.52 0.16
C SER C 26 -27.42 -21.73 0.50
N ALA C 27 -27.28 -21.38 1.77
CA ALA C 27 -26.11 -20.66 2.25
C ALA C 27 -24.84 -21.47 2.01
N LYS C 28 -24.93 -22.78 2.24
CA LYS C 28 -23.80 -23.67 2.01
C LYS C 28 -23.38 -23.65 0.55
N ASP C 29 -24.31 -24.00 -0.34
CA ASP C 29 -24.03 -23.99 -1.77
C ASP C 29 -23.56 -22.62 -2.23
N LEU C 30 -24.12 -21.58 -1.64
CA LEU C 30 -23.73 -20.21 -1.96
C LEU C 30 -22.27 -19.96 -1.59
N ALA C 31 -21.90 -20.36 -0.38
CA ALA C 31 -20.53 -20.17 0.09
C ALA C 31 -19.54 -20.98 -0.73
N LEU C 32 -19.92 -22.22 -1.05
CA LEU C 32 -19.06 -23.10 -1.85
C LEU C 32 -18.79 -22.50 -3.23
N LEU C 33 -19.82 -21.88 -3.81
CA LEU C 33 -19.68 -21.24 -5.12
C LEU C 33 -18.66 -20.11 -5.07
N LEU C 34 -18.76 -19.27 -4.04
CA LEU C 34 -17.83 -18.17 -3.84
C LEU C 34 -16.41 -18.70 -3.63
N PHE C 35 -16.30 -19.82 -2.94
CA PHE C 35 -15.01 -20.45 -2.66
C PHE C 35 -14.22 -20.70 -3.94
N THR C 36 -14.92 -21.08 -5.01
CA THR C 36 -14.27 -21.37 -6.28
C THR C 36 -13.62 -20.14 -6.89
N HIS C 37 -14.02 -18.97 -6.40
CA HIS C 37 -13.50 -17.71 -6.92
C HIS C 37 -12.33 -17.18 -6.08
N LEU C 38 -12.08 -17.84 -4.95
CA LEU C 38 -11.06 -17.37 -4.01
C LEU C 38 -9.80 -18.23 -4.05
N PRO C 39 -8.63 -17.60 -3.94
CA PRO C 39 -7.36 -18.31 -3.87
C PRO C 39 -7.10 -18.83 -2.46
N GLY C 40 -6.35 -19.92 -2.35
CA GLY C 40 -5.99 -20.50 -1.07
C GLY C 40 -7.16 -21.18 -0.36
N ASN C 41 -6.95 -21.52 0.90
CA ASN C 41 -7.98 -22.18 1.71
C ASN C 41 -8.05 -21.59 3.11
N ASN C 42 -9.27 -21.50 3.63
CA ASN C 42 -9.49 -21.03 4.99
C ASN C 42 -8.89 -19.65 5.26
N THR C 43 -8.96 -18.77 4.26
CA THR C 43 -8.49 -17.41 4.42
C THR C 43 -9.60 -16.55 5.01
N PRO C 44 -9.24 -15.37 5.53
CA PRO C 44 -10.24 -14.43 6.03
C PRO C 44 -11.37 -14.25 5.04
N PHE C 45 -11.05 -14.26 3.75
CA PHE C 45 -12.07 -14.07 2.71
C PHE C 45 -12.99 -15.27 2.59
N HIS C 46 -12.48 -16.45 2.92
CA HIS C 46 -13.29 -17.65 2.94
C HIS C 46 -14.33 -17.54 4.05
N ILE C 47 -13.88 -17.10 5.22
CA ILE C 47 -14.77 -16.90 6.36
C ILE C 47 -15.84 -15.85 6.03
N LEU C 48 -15.41 -14.80 5.33
CA LEU C 48 -16.32 -13.72 4.94
C LEU C 48 -17.38 -14.25 3.98
N ALA C 49 -16.97 -15.13 3.08
CA ALA C 49 -17.89 -15.73 2.12
C ALA C 49 -18.99 -16.50 2.84
N GLN C 50 -18.60 -17.22 3.90
CA GLN C 50 -19.55 -18.00 4.69
C GLN C 50 -20.51 -17.08 5.45
N VAL C 51 -19.96 -16.07 6.11
CA VAL C 51 -20.76 -15.14 6.89
C VAL C 51 -21.76 -14.38 6.03
N LEU C 52 -21.29 -13.84 4.91
CA LEU C 52 -22.15 -13.07 4.01
C LEU C 52 -23.20 -13.95 3.35
N SER C 53 -22.83 -15.19 3.03
CA SER C 53 -23.76 -16.12 2.42
C SER C 53 -24.88 -16.48 3.40
N LYS C 54 -24.49 -16.69 4.65
CA LYS C 54 -25.43 -17.06 5.70
C LYS C 54 -26.43 -15.92 5.94
N ILE C 55 -25.90 -14.71 6.10
CA ILE C 55 -26.73 -13.54 6.33
C ILE C 55 -27.64 -13.24 5.13
N ALA C 56 -27.10 -13.38 3.93
CA ALA C 56 -27.85 -13.12 2.72
C ALA C 56 -29.02 -14.07 2.58
N TYR C 57 -28.75 -15.36 2.76
CA TYR C 57 -29.79 -16.38 2.66
C TYR C 57 -30.94 -16.09 3.61
N LYS C 58 -30.61 -15.86 4.88
CA LYS C 58 -31.62 -15.60 5.90
C LYS C 58 -32.45 -14.35 5.59
N SER C 59 -31.91 -13.46 4.78
CA SER C 59 -32.58 -12.22 4.43
C SER C 59 -33.45 -12.38 3.20
N GLY C 60 -33.32 -13.53 2.53
CA GLY C 60 -34.05 -13.77 1.29
C GLY C 60 -33.42 -13.02 0.12
N LYS C 61 -32.17 -12.59 0.31
CA LYS C 61 -31.44 -11.85 -0.71
C LYS C 61 -30.35 -12.69 -1.35
N SER C 62 -30.50 -14.01 -1.28
CA SER C 62 -29.53 -14.93 -1.85
C SER C 62 -29.28 -14.64 -3.33
N GLY C 63 -30.36 -14.52 -4.09
CA GLY C 63 -30.26 -14.25 -5.52
C GLY C 63 -29.63 -12.92 -5.83
N ALA C 64 -30.12 -11.88 -5.17
CA ALA C 64 -29.59 -10.52 -5.36
C ALA C 64 -28.11 -10.46 -5.00
N PHE C 65 -27.75 -11.07 -3.87
CA PHE C 65 -26.37 -11.07 -3.41
C PHE C 65 -25.43 -11.68 -4.44
N LEU C 66 -25.82 -12.83 -4.99
CA LEU C 66 -25.02 -13.51 -6.00
C LEU C 66 -24.90 -12.66 -7.27
N ASP C 67 -26.00 -12.04 -7.67
CA ASP C 67 -26.02 -11.18 -8.84
C ASP C 67 -25.04 -10.01 -8.68
N ALA C 68 -25.15 -9.33 -7.54
CA ALA C 68 -24.27 -8.20 -7.25
C ALA C 68 -22.80 -8.63 -7.26
N PHE C 69 -22.54 -9.81 -6.70
CA PHE C 69 -21.19 -10.35 -6.66
C PHE C 69 -20.60 -10.51 -8.05
N HIS C 70 -21.39 -11.07 -8.96
CA HIS C 70 -20.95 -11.27 -10.34
C HIS C 70 -20.87 -9.94 -11.10
N GLN C 71 -21.81 -9.06 -10.82
CA GLN C 71 -21.81 -7.73 -11.43
C GLN C 71 -20.48 -7.04 -11.15
N ILE C 72 -19.99 -7.17 -9.92
CA ILE C 72 -18.72 -6.57 -9.53
C ILE C 72 -17.55 -7.22 -10.28
N LEU C 73 -17.56 -8.55 -10.35
CA LEU C 73 -16.50 -9.27 -11.04
C LEU C 73 -16.38 -8.81 -12.49
N SER C 74 -17.52 -8.58 -13.13
CA SER C 74 -17.54 -8.15 -14.53
C SER C 74 -16.91 -6.77 -14.68
N GLU C 75 -16.94 -6.00 -13.59
CA GLU C 75 -16.37 -4.66 -13.60
C GLU C 75 -14.84 -4.71 -13.69
N GLY C 76 -14.27 -5.88 -13.41
CA GLY C 76 -12.83 -6.05 -13.46
C GLY C 76 -12.23 -6.36 -12.11
N GLU C 77 -13.04 -6.23 -11.06
CA GLU C 77 -12.60 -6.53 -9.70
C GLU C 77 -12.48 -8.04 -9.51
N ASN C 78 -11.67 -8.44 -8.54
CA ASN C 78 -11.54 -9.86 -8.20
C ASN C 78 -12.49 -10.24 -7.07
N ALA C 79 -12.54 -11.53 -6.74
CA ALA C 79 -13.45 -12.03 -5.71
C ALA C 79 -13.23 -11.33 -4.37
N GLN C 80 -11.97 -11.17 -3.99
CA GLN C 80 -11.65 -10.54 -2.71
C GLN C 80 -12.17 -9.11 -2.65
N ALA C 81 -11.90 -8.33 -3.71
CA ALA C 81 -12.36 -6.96 -3.77
C ALA C 81 -13.89 -6.89 -3.78
N ALA C 82 -14.52 -7.91 -4.36
CA ALA C 82 -15.98 -7.96 -4.44
C ALA C 82 -16.61 -8.19 -3.07
N LEU C 83 -16.03 -9.09 -2.30
CA LEU C 83 -16.57 -9.44 -0.99
C LEU C 83 -16.48 -8.27 -0.01
N THR C 84 -15.32 -7.63 0.06
CA THR C 84 -15.14 -6.49 0.95
C THR C 84 -16.04 -5.34 0.54
N ARG C 85 -16.25 -5.19 -0.76
CA ARG C 85 -17.11 -4.14 -1.29
C ARG C 85 -18.57 -4.39 -0.94
N LEU C 86 -19.01 -5.63 -1.14
CA LEU C 86 -20.38 -6.02 -0.82
C LEU C 86 -20.67 -5.86 0.67
N SER C 87 -19.69 -6.23 1.50
CA SER C 87 -19.84 -6.12 2.95
C SER C 87 -20.04 -4.66 3.36
N ARG C 88 -19.61 -3.73 2.53
CA ARG C 88 -19.69 -2.31 2.84
C ARG C 88 -20.92 -1.64 2.22
N THR C 89 -21.42 -2.20 1.12
CA THR C 89 -22.47 -1.54 0.35
C THR C 89 -23.79 -2.30 0.30
N PHE C 90 -23.73 -3.62 0.35
CA PHE C 90 -24.94 -4.44 0.30
C PHE C 90 -25.80 -4.21 1.54
N ASP C 91 -26.96 -3.58 1.34
CA ASP C 91 -27.82 -3.17 2.44
C ASP C 91 -28.06 -4.28 3.48
N ALA C 92 -28.13 -5.52 3.02
CA ALA C 92 -28.43 -6.64 3.90
C ALA C 92 -27.36 -6.85 4.96
N PHE C 93 -26.19 -6.27 4.74
CA PHE C 93 -25.07 -6.44 5.68
C PHE C 93 -24.86 -5.21 6.56
N LEU C 94 -25.48 -4.09 6.18
CA LEU C 94 -25.28 -2.84 6.89
C LEU C 94 -25.73 -2.90 8.35
N GLY C 95 -24.81 -2.55 9.26
CA GLY C 95 -25.13 -2.49 10.68
C GLY C 95 -25.26 -3.85 11.34
N VAL C 96 -25.09 -4.91 10.55
CA VAL C 96 -25.20 -6.26 11.07
C VAL C 96 -23.95 -6.62 11.89
N VAL C 97 -24.17 -7.05 13.13
CA VAL C 97 -23.07 -7.44 14.00
C VAL C 97 -22.54 -8.82 13.63
N PRO C 98 -21.21 -8.97 13.58
CA PRO C 98 -20.57 -10.23 13.20
C PRO C 98 -21.03 -11.37 14.09
N PRO C 99 -21.19 -12.57 13.50
CA PRO C 99 -21.63 -13.74 14.25
C PRO C 99 -20.55 -14.24 15.21
N VAL C 100 -20.98 -14.71 16.38
CA VAL C 100 -20.05 -15.23 17.37
C VAL C 100 -19.81 -16.72 17.13
N ILE C 101 -18.54 -17.10 16.93
CA ILE C 101 -18.19 -18.48 16.70
C ILE C 101 -17.38 -19.04 17.87
N ARG C 102 -17.84 -20.16 18.42
CA ARG C 102 -17.15 -20.78 19.54
C ARG C 102 -15.99 -21.66 19.10
N VAL C 103 -14.90 -21.60 19.86
CA VAL C 103 -13.71 -22.38 19.57
C VAL C 103 -12.94 -22.66 20.85
N LYS C 104 -12.35 -23.85 20.96
CA LYS C 104 -11.58 -24.20 22.14
C LYS C 104 -10.66 -23.04 22.52
N ASN C 105 -9.79 -22.67 21.60
CA ASN C 105 -8.87 -21.56 21.81
C ASN C 105 -8.59 -20.83 20.49
N PHE C 106 -7.94 -19.67 20.57
CA PHE C 106 -7.66 -18.87 19.38
C PHE C 106 -6.68 -19.57 18.44
N GLN C 107 -5.97 -20.57 18.96
CA GLN C 107 -5.08 -21.38 18.13
C GLN C 107 -5.90 -22.37 17.30
N THR C 108 -7.18 -22.47 17.62
CA THR C 108 -8.09 -23.34 16.88
C THR C 108 -8.59 -22.66 15.61
N VAL C 109 -8.53 -21.33 15.61
CA VAL C 109 -8.91 -20.56 14.44
C VAL C 109 -7.98 -20.88 13.27
N PRO C 110 -8.55 -21.02 12.06
CA PRO C 110 -7.75 -21.33 10.88
C PRO C 110 -6.47 -20.51 10.82
N ARG C 111 -5.35 -21.18 10.55
CA ARG C 111 -4.04 -20.54 10.51
C ARG C 111 -4.06 -19.20 9.78
N PRO C 112 -4.51 -19.20 8.52
CA PRO C 112 -4.49 -18.00 7.66
C PRO C 112 -5.27 -16.82 8.24
N CYS C 113 -6.04 -17.07 9.29
CA CYS C 113 -6.86 -16.01 9.88
C CYS C 113 -6.27 -15.51 11.20
N GLN C 114 -5.42 -16.32 11.82
CA GLN C 114 -4.91 -16.03 13.16
C GLN C 114 -4.29 -14.65 13.31
N LYS C 115 -3.50 -14.24 12.32
CA LYS C 115 -2.80 -12.95 12.39
C LYS C 115 -3.72 -11.77 12.11
N SER C 116 -4.99 -12.05 11.80
CA SER C 116 -5.95 -11.00 11.54
C SER C 116 -6.92 -10.83 12.71
N LEU C 117 -6.61 -11.46 13.83
CA LEU C 117 -7.44 -11.39 15.01
C LEU C 117 -7.13 -10.14 15.85
N ARG C 118 -8.18 -9.44 16.26
CA ARG C 118 -8.02 -8.24 17.08
C ARG C 118 -8.94 -8.33 18.28
N ALA C 119 -8.67 -7.52 19.30
CA ALA C 119 -9.61 -7.35 20.38
C ALA C 119 -10.90 -6.82 19.78
N VAL C 120 -12.03 -7.19 20.36
CA VAL C 120 -13.32 -6.75 19.84
C VAL C 120 -13.60 -5.31 20.23
N PRO C 121 -13.93 -4.45 19.25
CA PRO C 121 -14.29 -3.07 19.52
C PRO C 121 -15.72 -2.99 20.07
N PRO C 122 -16.08 -1.84 20.66
CA PRO C 122 -17.38 -1.64 21.30
C PRO C 122 -18.56 -2.06 20.42
N ASN C 123 -18.59 -1.61 19.17
CA ASN C 123 -19.71 -1.90 18.28
C ASN C 123 -19.28 -2.48 16.94
N PRO C 124 -18.91 -3.76 16.92
CA PRO C 124 -18.46 -4.41 15.70
C PRO C 124 -19.60 -4.63 14.71
N THR C 125 -19.39 -4.21 13.47
CA THR C 125 -20.35 -4.46 12.40
C THR C 125 -19.61 -4.91 11.14
N ILE C 126 -20.31 -5.67 10.30
CA ILE C 126 -19.72 -6.22 9.08
C ILE C 126 -19.29 -5.14 8.09
N ASP C 127 -20.10 -4.10 7.95
CA ASP C 127 -19.79 -3.02 7.02
C ASP C 127 -18.53 -2.26 7.43
N LYS C 128 -17.96 -2.65 8.57
CA LYS C 128 -16.74 -2.01 9.06
C LYS C 128 -15.52 -2.93 8.92
N GLY C 129 -15.72 -4.09 8.31
CA GLY C 129 -14.63 -5.01 8.04
C GLY C 129 -14.50 -6.13 9.05
N TRP C 130 -15.43 -6.22 9.99
CA TRP C 130 -15.40 -7.25 11.02
C TRP C 130 -16.16 -8.49 10.57
N VAL C 131 -15.43 -9.55 10.27
CA VAL C 131 -16.01 -10.78 9.71
C VAL C 131 -16.79 -11.59 10.75
N CYS C 132 -16.15 -11.86 11.88
CA CYS C 132 -16.78 -12.66 12.92
C CYS C 132 -16.07 -12.50 14.26
N VAL C 133 -16.73 -12.92 15.33
CA VAL C 133 -16.16 -12.86 16.66
C VAL C 133 -15.93 -14.26 17.20
N TYR C 134 -14.67 -14.58 17.48
CA TYR C 134 -14.32 -15.88 18.05
C TYR C 134 -14.35 -15.84 19.57
N SER C 135 -15.04 -16.80 20.17
CA SER C 135 -15.14 -16.90 21.62
C SER C 135 -14.48 -18.18 22.10
N SER C 136 -13.46 -18.04 22.93
CA SER C 136 -12.74 -19.20 23.47
C SER C 136 -13.44 -19.76 24.70
N GLU C 137 -13.03 -20.96 25.10
CA GLU C 137 -13.63 -21.61 26.26
C GLU C 137 -13.37 -20.82 27.54
N GLN C 138 -12.35 -19.98 27.51
CA GLN C 138 -11.95 -19.20 28.67
C GLN C 138 -12.71 -17.87 28.75
N GLY C 139 -13.63 -17.67 27.81
CA GLY C 139 -14.45 -16.46 27.81
C GLY C 139 -13.84 -15.31 27.02
N GLU C 140 -12.60 -15.48 26.58
CA GLU C 140 -11.93 -14.46 25.79
C GLU C 140 -12.56 -14.34 24.41
N THR C 141 -12.49 -13.14 23.84
CA THR C 141 -13.07 -12.90 22.51
C THR C 141 -12.09 -12.20 21.58
N ARG C 142 -12.09 -12.64 20.32
CA ARG C 142 -11.28 -12.01 19.28
C ARG C 142 -12.12 -11.84 18.02
N ALA C 143 -11.90 -10.74 17.31
CA ALA C 143 -12.66 -10.46 16.09
C ALA C 143 -11.78 -10.56 14.85
N LEU C 144 -12.26 -11.30 13.86
CA LEU C 144 -11.56 -11.42 12.58
C LEU C 144 -11.73 -10.13 11.79
N LYS C 145 -10.60 -9.52 11.42
CA LYS C 145 -10.62 -8.22 10.78
C LYS C 145 -9.99 -8.24 9.38
N ILE C 146 -10.72 -7.70 8.41
CA ILE C 146 -10.20 -7.54 7.07
C ILE C 146 -9.97 -6.05 6.77
N LEU D 25 -4.97 1.65 36.51
CA LEU D 25 -4.37 0.91 35.35
C LEU D 25 -2.98 1.43 35.05
N SER D 26 -1.97 0.60 35.28
CA SER D 26 -0.59 0.98 35.06
C SER D 26 -0.30 1.25 33.58
N ALA D 27 0.82 1.88 33.31
CA ALA D 27 1.22 2.17 31.93
C ALA D 27 1.41 0.88 31.15
N LYS D 28 2.09 -0.09 31.77
CA LYS D 28 2.35 -1.38 31.14
C LYS D 28 1.04 -2.08 30.76
N ASP D 29 0.16 -2.25 31.74
CA ASP D 29 -1.14 -2.88 31.50
C ASP D 29 -1.93 -2.12 30.44
N LEU D 30 -1.85 -0.80 30.49
CA LEU D 30 -2.56 0.04 29.53
C LEU D 30 -2.03 -0.21 28.12
N ALA D 31 -0.72 -0.24 27.98
CA ALA D 31 -0.10 -0.49 26.68
C ALA D 31 -0.46 -1.87 26.15
N LEU D 32 -0.30 -2.88 27.01
CA LEU D 32 -0.62 -4.26 26.63
C LEU D 32 -2.06 -4.37 26.12
N LEU D 33 -2.95 -3.59 26.72
CA LEU D 33 -4.35 -3.59 26.31
C LEU D 33 -4.51 -2.99 24.91
N LEU D 34 -3.81 -1.88 24.66
CA LEU D 34 -3.84 -1.25 23.35
C LEU D 34 -3.25 -2.18 22.29
N PHE D 35 -2.24 -2.95 22.68
CA PHE D 35 -1.57 -3.88 21.78
C PHE D 35 -2.56 -4.88 21.17
N THR D 36 -3.54 -5.30 21.96
CA THR D 36 -4.51 -6.30 21.51
C THR D 36 -5.36 -5.77 20.36
N HIS D 37 -5.38 -4.45 20.19
CA HIS D 37 -6.17 -3.83 19.14
C HIS D 37 -5.34 -3.54 17.89
N LEU D 38 -4.04 -3.79 17.97
CA LEU D 38 -3.13 -3.43 16.89
C LEU D 38 -2.64 -4.63 16.10
N PRO D 39 -2.57 -4.48 14.76
CA PRO D 39 -2.05 -5.52 13.87
C PRO D 39 -0.53 -5.59 13.91
N GLY D 40 0.01 -6.79 13.70
CA GLY D 40 1.45 -6.99 13.67
C GLY D 40 2.12 -6.74 15.02
N ASN D 41 3.45 -6.63 15.00
CA ASN D 41 4.22 -6.43 16.21
C ASN D 41 5.30 -5.36 16.04
N ASN D 42 5.53 -4.59 17.09
CA ASN D 42 6.58 -3.59 17.09
C ASN D 42 6.47 -2.59 15.94
N THR D 43 5.24 -2.18 15.65
CA THR D 43 5.01 -1.17 14.62
C THR D 43 5.09 0.22 15.26
N PRO D 44 5.26 1.26 14.42
CA PRO D 44 5.26 2.61 14.94
C PRO D 44 4.12 2.84 15.92
N PHE D 45 2.96 2.26 15.62
CA PHE D 45 1.79 2.41 16.48
C PHE D 45 1.98 1.70 17.82
N HIS D 46 2.72 0.61 17.82
CA HIS D 46 3.04 -0.09 19.06
C HIS D 46 3.89 0.82 19.95
N ILE D 47 4.84 1.50 19.34
CA ILE D 47 5.69 2.43 20.06
C ILE D 47 4.87 3.62 20.57
N LEU D 48 3.95 4.08 19.73
CA LEU D 48 3.07 5.19 20.11
C LEU D 48 2.20 4.81 21.30
N ALA D 49 1.70 3.57 21.29
CA ALA D 49 0.88 3.06 22.37
C ALA D 49 1.62 3.17 23.70
N GLN D 50 2.89 2.75 23.70
CA GLN D 50 3.71 2.79 24.91
C GLN D 50 3.94 4.22 25.37
N VAL D 51 4.37 5.08 24.45
CA VAL D 51 4.63 6.48 24.75
C VAL D 51 3.39 7.15 25.34
N LEU D 52 2.27 7.04 24.64
CA LEU D 52 1.02 7.67 25.08
C LEU D 52 0.56 7.15 26.44
N SER D 53 0.65 5.83 26.64
CA SER D 53 0.26 5.22 27.90
C SER D 53 1.09 5.76 29.04
N LYS D 54 2.41 5.72 28.87
CA LYS D 54 3.34 6.18 29.89
C LYS D 54 3.03 7.62 30.28
N ILE D 55 2.85 8.48 29.29
CA ILE D 55 2.54 9.89 29.54
C ILE D 55 1.19 10.06 30.21
N ALA D 56 0.19 9.32 29.74
CA ALA D 56 -1.15 9.40 30.29
C ALA D 56 -1.16 8.99 31.77
N TYR D 57 -0.47 7.90 32.07
CA TYR D 57 -0.42 7.39 33.44
C TYR D 57 0.09 8.42 34.43
N LYS D 58 1.32 8.90 34.21
CA LYS D 58 1.93 9.87 35.12
C LYS D 58 1.20 11.21 35.13
N SER D 59 0.23 11.35 34.23
CA SER D 59 -0.60 12.56 34.21
C SER D 59 -1.88 12.34 34.99
N GLY D 60 -2.12 11.09 35.38
CA GLY D 60 -3.35 10.73 36.10
C GLY D 60 -4.53 10.61 35.16
N LYS D 61 -4.24 10.56 33.87
CA LYS D 61 -5.29 10.49 32.85
C LYS D 61 -5.40 9.08 32.26
N SER D 62 -4.85 8.10 32.97
CA SER D 62 -4.90 6.72 32.52
C SER D 62 -6.33 6.30 32.16
N GLY D 63 -7.26 6.57 33.06
CA GLY D 63 -8.66 6.22 32.85
C GLY D 63 -9.31 6.98 31.70
N ALA D 64 -9.21 8.30 31.74
CA ALA D 64 -9.79 9.14 30.70
C ALA D 64 -9.27 8.75 29.32
N PHE D 65 -7.97 8.48 29.24
CA PHE D 65 -7.34 8.08 27.98
C PHE D 65 -7.99 6.83 27.41
N LEU D 66 -8.12 5.80 28.23
CA LEU D 66 -8.72 4.54 27.80
C LEU D 66 -10.15 4.74 27.34
N ASP D 67 -10.92 5.52 28.09
CA ASP D 67 -12.30 5.83 27.74
C ASP D 67 -12.37 6.52 26.38
N ALA D 68 -11.53 7.53 26.20
CA ALA D 68 -11.46 8.26 24.93
C ALA D 68 -11.10 7.30 23.79
N PHE D 69 -10.18 6.38 24.07
CA PHE D 69 -9.75 5.40 23.08
C PHE D 69 -10.90 4.50 22.66
N HIS D 70 -11.70 4.07 23.63
CA HIS D 70 -12.86 3.22 23.34
C HIS D 70 -13.97 4.00 22.63
N GLN D 71 -14.15 5.26 23.04
CA GLN D 71 -15.15 6.11 22.41
C GLN D 71 -14.87 6.25 20.92
N ILE D 72 -13.61 6.55 20.58
CA ILE D 72 -13.22 6.70 19.18
C ILE D 72 -13.45 5.42 18.40
N LEU D 73 -13.10 4.28 18.99
CA LEU D 73 -13.33 2.99 18.36
C LEU D 73 -14.81 2.78 18.05
N SER D 74 -15.67 3.20 18.98
CA SER D 74 -17.10 3.03 18.81
C SER D 74 -17.65 3.92 17.69
N GLU D 75 -16.85 4.90 17.28
CA GLU D 75 -17.25 5.81 16.21
C GLU D 75 -16.99 5.20 14.84
N GLY D 76 -16.25 4.10 14.81
CA GLY D 76 -15.95 3.41 13.56
C GLY D 76 -14.47 3.44 13.20
N GLU D 77 -13.69 4.20 13.95
CA GLU D 77 -12.26 4.29 13.72
C GLU D 77 -11.56 3.01 14.16
N ASN D 78 -10.47 2.66 13.49
CA ASN D 78 -9.65 1.53 13.91
C ASN D 78 -8.64 1.98 14.96
N ALA D 79 -7.95 1.02 15.56
CA ALA D 79 -6.99 1.32 16.63
C ALA D 79 -5.94 2.34 16.20
N GLN D 80 -5.44 2.18 14.98
CA GLN D 80 -4.38 3.04 14.46
C GLN D 80 -4.83 4.50 14.35
N ALA D 81 -5.99 4.71 13.74
CA ALA D 81 -6.54 6.06 13.58
C ALA D 81 -6.90 6.67 14.93
N ALA D 82 -7.22 5.82 15.90
CA ALA D 82 -7.60 6.28 17.22
C ALA D 82 -6.39 6.85 17.97
N LEU D 83 -5.27 6.16 17.89
CA LEU D 83 -4.05 6.58 18.57
C LEU D 83 -3.53 7.90 18.00
N THR D 84 -3.45 7.99 16.68
CA THR D 84 -2.99 9.21 16.02
C THR D 84 -3.89 10.38 16.38
N ARG D 85 -5.20 10.13 16.39
CA ARG D 85 -6.18 11.15 16.73
C ARG D 85 -5.98 11.64 18.16
N LEU D 86 -5.87 10.70 19.09
CA LEU D 86 -5.64 11.04 20.50
C LEU D 86 -4.38 11.87 20.66
N SER D 87 -3.31 11.45 19.98
CA SER D 87 -2.03 12.16 20.05
C SER D 87 -2.19 13.60 19.59
N ARG D 88 -3.23 13.87 18.82
CA ARG D 88 -3.46 15.21 18.28
C ARG D 88 -4.48 16.01 19.07
N THR D 89 -5.36 15.32 19.81
CA THR D 89 -6.47 15.99 20.49
C THR D 89 -6.45 15.86 22.00
N PHE D 90 -5.94 14.74 22.50
CA PHE D 90 -5.88 14.52 23.95
C PHE D 90 -4.97 15.56 24.61
N ASP D 91 -5.54 16.36 25.49
CA ASP D 91 -4.84 17.50 26.07
C ASP D 91 -3.53 17.13 26.78
N ALA D 92 -3.48 15.93 27.36
CA ALA D 92 -2.32 15.50 28.10
C ALA D 92 -1.10 15.28 27.20
N PHE D 93 -1.33 15.26 25.89
CA PHE D 93 -0.24 15.02 24.94
C PHE D 93 0.18 16.30 24.21
N LEU D 94 -0.63 17.34 24.33
CA LEU D 94 -0.35 18.59 23.62
C LEU D 94 0.90 19.28 24.13
N GLY D 95 1.82 19.58 23.20
CA GLY D 95 3.05 20.30 23.53
C GLY D 95 4.13 19.43 24.16
N VAL D 96 3.80 18.17 24.42
CA VAL D 96 4.72 17.25 25.07
C VAL D 96 5.80 16.77 24.09
N VAL D 97 7.06 16.91 24.48
CA VAL D 97 8.16 16.47 23.65
C VAL D 97 8.32 14.95 23.72
N PRO D 98 8.57 14.31 22.57
CA PRO D 98 8.75 12.86 22.52
C PRO D 98 9.91 12.43 23.43
N PRO D 99 9.77 11.26 24.07
CA PRO D 99 10.79 10.74 24.97
C PRO D 99 12.03 10.27 24.19
N VAL D 100 13.18 10.29 24.85
CA VAL D 100 14.43 9.85 24.23
C VAL D 100 14.76 8.42 24.63
N ILE D 101 14.95 7.56 23.64
CA ILE D 101 15.25 6.15 23.90
C ILE D 101 16.63 5.78 23.38
N ARG D 102 17.47 5.26 24.27
CA ARG D 102 18.83 4.85 23.90
C ARG D 102 18.84 3.51 23.18
N VAL D 103 19.61 3.44 22.10
CA VAL D 103 19.80 2.21 21.35
C VAL D 103 21.24 2.13 20.86
N LYS D 104 21.78 0.91 20.77
CA LYS D 104 23.14 0.75 20.27
C LYS D 104 23.30 1.48 18.95
N ASN D 105 22.40 1.22 18.02
CA ASN D 105 22.40 1.87 16.72
C ASN D 105 20.99 1.92 16.13
N PHE D 106 20.85 2.56 14.98
CA PHE D 106 19.54 2.72 14.37
C PHE D 106 19.05 1.44 13.69
N GLN D 107 19.91 0.43 13.66
CA GLN D 107 19.51 -0.89 13.19
C GLN D 107 18.96 -1.72 14.34
N THR D 108 19.14 -1.20 15.56
CA THR D 108 18.61 -1.85 16.75
C THR D 108 17.12 -1.56 16.88
N VAL D 109 16.70 -0.41 16.35
CA VAL D 109 15.30 -0.03 16.34
C VAL D 109 14.48 -1.09 15.61
N PRO D 110 13.31 -1.43 16.16
CA PRO D 110 12.43 -2.44 15.56
C PRO D 110 12.32 -2.28 14.04
N ARG D 111 12.43 -3.39 13.33
CA ARG D 111 12.33 -3.39 11.87
C ARG D 111 11.23 -2.48 11.34
N PRO D 112 9.99 -2.73 11.76
CA PRO D 112 8.80 -2.03 11.26
C PRO D 112 8.86 -0.51 11.45
N CYS D 113 9.81 -0.04 12.23
CA CYS D 113 9.91 1.39 12.53
C CYS D 113 11.05 2.08 11.78
N GLN D 114 12.03 1.30 11.36
CA GLN D 114 13.26 1.85 10.80
C GLN D 114 13.05 2.81 9.63
N LYS D 115 12.13 2.48 8.73
CA LYS D 115 11.88 3.31 7.56
C LYS D 115 11.08 4.57 7.89
N SER D 116 10.67 4.69 9.15
CA SER D 116 9.90 5.85 9.59
C SER D 116 10.78 6.81 10.39
N LEU D 117 12.08 6.54 10.41
CA LEU D 117 13.03 7.39 11.11
C LEU D 117 13.41 8.60 10.28
N ARG D 118 13.56 9.74 10.94
CA ARG D 118 13.98 10.97 10.27
C ARG D 118 14.82 11.82 11.20
N ALA D 119 15.51 12.81 10.64
CA ALA D 119 16.28 13.74 11.44
C ALA D 119 15.35 14.43 12.44
N VAL D 120 15.82 14.61 13.66
CA VAL D 120 15.03 15.28 14.69
C VAL D 120 14.87 16.76 14.35
N PRO D 121 13.62 17.23 14.26
CA PRO D 121 13.34 18.64 14.00
C PRO D 121 13.59 19.48 15.25
N PRO D 122 13.61 20.81 15.09
CA PRO D 122 13.88 21.76 16.18
C PRO D 122 13.01 21.53 17.42
N ASN D 123 11.69 21.53 17.24
CA ASN D 123 10.78 21.40 18.37
C ASN D 123 9.79 20.26 18.21
N PRO D 124 10.26 19.01 18.38
CA PRO D 124 9.42 17.84 18.21
C PRO D 124 8.34 17.73 19.30
N THR D 125 7.10 17.59 18.87
CA THR D 125 5.99 17.37 19.80
C THR D 125 5.12 16.20 19.35
N ILE D 126 4.59 15.46 20.31
CA ILE D 126 3.77 14.30 20.02
C ILE D 126 2.52 14.65 19.21
N ASP D 127 1.96 15.82 19.46
CA ASP D 127 0.75 16.24 18.76
C ASP D 127 1.03 16.58 17.30
N LYS D 128 2.29 16.47 16.89
CA LYS D 128 2.69 16.71 15.50
C LYS D 128 3.10 15.42 14.80
N GLY D 129 2.91 14.29 15.47
CA GLY D 129 3.18 12.99 14.86
C GLY D 129 4.51 12.37 15.26
N TRP D 130 5.28 13.07 16.09
CA TRP D 130 6.59 12.58 16.52
C TRP D 130 6.46 11.66 17.74
N VAL D 131 6.72 10.37 17.53
CA VAL D 131 6.55 9.38 18.58
C VAL D 131 7.66 9.40 19.63
N CYS D 132 8.90 9.27 19.18
CA CYS D 132 10.03 9.25 20.10
C CYS D 132 11.34 9.61 19.39
N VAL D 133 12.37 9.90 20.20
CA VAL D 133 13.68 10.23 19.68
C VAL D 133 14.70 9.16 20.06
N TYR D 134 15.22 8.47 19.05
CA TYR D 134 16.23 7.44 19.29
C TYR D 134 17.63 8.05 19.28
N SER D 135 18.43 7.71 20.28
CA SER D 135 19.81 8.17 20.34
C SER D 135 20.77 6.98 20.29
N SER D 136 21.75 7.04 19.39
CA SER D 136 22.70 5.95 19.21
C SER D 136 23.90 6.11 20.15
N GLU D 137 24.83 5.17 20.06
CA GLU D 137 26.01 5.17 20.92
C GLU D 137 27.03 6.23 20.52
N GLN D 138 26.95 6.70 19.28
CA GLN D 138 27.84 7.77 18.82
C GLN D 138 27.16 9.13 18.80
N GLY D 139 26.16 9.30 19.65
CA GLY D 139 25.51 10.60 19.84
C GLY D 139 24.59 11.01 18.70
N GLU D 140 24.35 10.12 17.76
CA GLU D 140 23.44 10.41 16.66
C GLU D 140 21.99 10.20 17.10
N THR D 141 21.09 10.99 16.52
CA THR D 141 19.68 10.91 16.88
C THR D 141 18.77 10.80 15.67
N ARG D 142 17.73 9.99 15.80
CA ARG D 142 16.69 9.87 14.79
C ARG D 142 15.34 9.93 15.47
N ALA D 143 14.37 10.57 14.81
CA ALA D 143 13.04 10.70 15.37
C ALA D 143 12.05 9.79 14.65
N LEU D 144 11.23 9.10 15.42
CA LEU D 144 10.19 8.25 14.86
C LEU D 144 8.97 9.08 14.48
N LYS D 145 8.64 9.09 13.20
CA LYS D 145 7.55 9.91 12.70
C LYS D 145 6.41 9.06 12.16
N ILE D 146 5.17 9.41 12.55
CA ILE D 146 4.00 8.73 12.03
C ILE D 146 3.16 9.70 11.20
#